data_8CCL
#
_entry.id   8CCL
#
_cell.length_a   67.890
_cell.length_b   67.890
_cell.length_c   155.400
_cell.angle_alpha   90.000
_cell.angle_beta   90.000
_cell.angle_gamma   120.000
#
_symmetry.space_group_name_H-M   'P 31 2 1'
#
loop_
_entity.id
_entity.type
_entity.pdbx_description
1 polymer 'Thioredoxin reductase'
2 non-polymer 'FLAVIN-ADENINE DINUCLEOTIDE'
3 non-polymer GLYCEROL
4 non-polymer 'MALONATE ION'
5 non-polymer [1,2]thiazolo[5,4-b]pyridin-3-amine
6 non-polymer 'MAGNESIUM ION'
7 water water
#
_entity_poly.entity_id   1
_entity_poly.type   'polypeptide(L)'
_entity_poly.pdbx_seq_one_letter_code
;MAHHHHHHMSTSQTVHDVIIIGSGPAGYTAAIYAARAQLKPLVFEGTQFGGALMTTTEVENYPGFREGITGPELMDQMRE
QALRFGADLRMEDVDAVQLEGPVKTVVVGDETHQARAVILAMGAAARHLGVPGEEALTGMGVSTCATCDGFFFRDQDIVV
VGGGDSAMEEATFLTRFARSVTLIHRRDEFRASKIMLERARANEKITFLTNTEITQIEGDPKVTGVRLRDTVTGEESKLD
VTGVFVAIGHDPRSELVRGQVELDDEGYVKVQGRTTYTSLDGVFAAGDLVDHTYRQAITAAGSGCAASIDAERWLAEQD
;
_entity_poly.pdbx_strand_id   A
#
# COMPACT_ATOMS: atom_id res chain seq x y z
N THR A 14 -0.61 31.23 11.67
CA THR A 14 -1.74 30.54 11.05
C THR A 14 -1.83 29.08 11.50
N VAL A 15 -2.90 28.74 12.22
CA VAL A 15 -3.13 27.36 12.64
C VAL A 15 -4.35 26.85 11.87
N HIS A 16 -4.13 25.85 11.02
CA HIS A 16 -5.23 25.30 10.27
CA HIS A 16 -5.22 25.28 10.26
C HIS A 16 -6.07 24.38 11.15
N ASP A 17 -7.30 24.10 10.68
CA ASP A 17 -8.12 23.13 11.38
C ASP A 17 -7.51 21.73 11.25
N VAL A 18 -7.11 21.33 10.04
CA VAL A 18 -6.66 19.96 9.81
C VAL A 18 -5.58 19.95 8.74
N ILE A 19 -4.55 19.12 8.98
CA ILE A 19 -3.52 18.82 7.99
C ILE A 19 -3.62 17.33 7.68
N ILE A 20 -3.58 16.98 6.41
CA ILE A 20 -3.60 15.59 5.98
C ILE A 20 -2.23 15.24 5.39
N ILE A 21 -1.64 14.12 5.80
CA ILE A 21 -0.35 13.67 5.28
C ILE A 21 -0.57 12.43 4.41
N GLY A 22 -0.52 12.60 3.10
CA GLY A 22 -0.62 11.46 2.21
C GLY A 22 -1.65 11.71 1.13
N SER A 23 -1.46 11.09 -0.03
CA SER A 23 -2.31 11.39 -1.16
C SER A 23 -2.77 10.13 -1.89
N GLY A 24 -2.93 9.02 -1.17
CA GLY A 24 -3.60 7.86 -1.74
C GLY A 24 -5.10 8.00 -1.57
N PRO A 25 -5.85 6.91 -1.75
CA PRO A 25 -7.31 6.98 -1.55
C PRO A 25 -7.69 7.47 -0.17
N ALA A 26 -6.97 7.02 0.86
CA ALA A 26 -7.29 7.46 2.22
C ALA A 26 -7.16 8.98 2.33
N GLY A 27 -6.00 9.53 1.97
CA GLY A 27 -5.82 10.95 2.13
C GLY A 27 -6.73 11.79 1.26
N TYR A 28 -6.95 11.39 0.01
CA TYR A 28 -7.80 12.24 -0.84
C TYR A 28 -9.26 12.16 -0.39
N THR A 29 -9.72 11.00 0.10
CA THR A 29 -11.12 10.94 0.59
C THR A 29 -11.28 11.77 1.84
N ALA A 30 -10.28 11.73 2.73
CA ALA A 30 -10.30 12.62 3.90
C ALA A 30 -10.35 14.07 3.47
N ALA A 31 -9.57 14.44 2.45
CA ALA A 31 -9.55 15.82 1.97
C ALA A 31 -10.90 16.23 1.40
N ILE A 32 -11.50 15.37 0.59
CA ILE A 32 -12.83 15.69 0.05
C ILE A 32 -13.81 15.99 1.17
N TYR A 33 -13.87 15.12 2.18
CA TYR A 33 -14.87 15.30 3.23
C TYR A 33 -14.54 16.52 4.08
N ALA A 34 -13.26 16.70 4.43
CA ALA A 34 -12.88 17.83 5.26
C ALA A 34 -13.13 19.15 4.52
N ALA A 35 -12.81 19.18 3.22
CA ALA A 35 -13.05 20.41 2.46
C ALA A 35 -14.54 20.70 2.32
N ARG A 36 -15.32 19.69 1.98
CA ARG A 36 -16.77 19.90 1.91
C ARG A 36 -17.34 20.29 3.26
N ALA A 37 -16.71 19.88 4.35
CA ALA A 37 -17.16 20.31 5.67
C ALA A 37 -16.64 21.70 6.05
N GLN A 38 -16.00 22.40 5.10
CA GLN A 38 -15.49 23.76 5.24
C GLN A 38 -14.30 23.86 6.20
N LEU A 39 -13.57 22.78 6.40
CA LEU A 39 -12.43 22.83 7.30
C LEU A 39 -11.15 23.29 6.60
N LYS A 40 -11.20 23.58 5.30
CA LYS A 40 -10.06 24.08 4.56
C LYS A 40 -8.81 23.23 4.79
N PRO A 41 -8.86 21.94 4.45
CA PRO A 41 -7.74 21.05 4.79
C PRO A 41 -6.51 21.38 3.96
N LEU A 42 -5.36 21.26 4.60
CA LEU A 42 -4.04 21.45 3.98
C LEU A 42 -3.45 20.07 3.79
N VAL A 43 -3.18 19.69 2.54
CA VAL A 43 -2.81 18.30 2.25
C VAL A 43 -1.40 18.28 1.68
N PHE A 44 -0.53 17.50 2.29
CA PHE A 44 0.82 17.28 1.77
C PHE A 44 0.80 15.95 1.05
N GLU A 45 0.89 16.01 -0.28
CA GLU A 45 0.70 14.83 -1.11
C GLU A 45 1.97 14.01 -1.28
N GLY A 46 3.14 14.58 -1.00
CA GLY A 46 4.40 13.96 -1.37
C GLY A 46 4.78 14.28 -2.80
N THR A 47 6.07 14.11 -3.11
CA THR A 47 6.49 14.25 -4.49
C THR A 47 6.10 13.02 -5.31
N GLN A 48 5.98 11.86 -4.70
CA GLN A 48 5.46 10.67 -5.37
C GLN A 48 3.97 10.52 -5.04
N PHE A 49 3.21 11.50 -5.47
CA PHE A 49 1.83 11.66 -5.02
C PHE A 49 0.93 10.64 -5.70
N GLY A 50 -0.30 10.51 -5.17
CA GLY A 50 -1.32 9.68 -5.80
C GLY A 50 -1.46 8.28 -5.23
N GLY A 51 -0.60 7.87 -4.31
CA GLY A 51 -0.64 6.55 -3.73
C GLY A 51 -0.25 5.42 -4.68
N ALA A 52 -0.53 4.19 -4.22
CA ALA A 52 -0.05 3.01 -4.92
C ALA A 52 -0.73 2.80 -6.28
N LEU A 53 -1.97 3.31 -6.45
CA LEU A 53 -2.65 3.12 -7.73
C LEU A 53 -2.01 3.92 -8.85
N MET A 54 -1.31 5.00 -8.53
CA MET A 54 -0.48 5.67 -9.53
C MET A 54 0.47 4.70 -10.24
N THR A 55 0.92 3.64 -9.57
CA THR A 55 1.92 2.73 -10.13
C THR A 55 1.32 1.50 -10.83
N THR A 56 -0.01 1.38 -10.94
CA THR A 56 -0.65 0.25 -11.63
C THR A 56 -1.34 0.68 -12.93
N THR A 57 -1.82 -0.33 -13.67
CA THR A 57 -2.66 -0.13 -14.84
C THR A 57 -4.13 -0.21 -14.44
N GLU A 58 -4.89 -1.14 -15.01
CA GLU A 58 -6.34 -1.10 -14.83
C GLU A 58 -6.77 -1.48 -13.42
N VAL A 59 -7.68 -0.69 -12.85
CA VAL A 59 -8.29 -0.94 -11.56
C VAL A 59 -9.75 -1.33 -11.82
N GLU A 60 -10.07 -2.60 -11.59
CA GLU A 60 -11.37 -3.15 -11.97
C GLU A 60 -12.31 -3.40 -10.81
N ASN A 61 -11.81 -3.42 -9.57
CA ASN A 61 -12.62 -3.77 -8.40
C ASN A 61 -12.96 -2.56 -7.54
N TYR A 62 -12.72 -1.35 -8.03
CA TYR A 62 -13.15 -0.16 -7.31
C TYR A 62 -14.60 0.12 -7.70
N PRO A 63 -15.57 0.02 -6.78
CA PRO A 63 -16.97 0.06 -7.20
C PRO A 63 -17.39 1.42 -7.73
N GLY A 64 -18.07 1.42 -8.87
CA GLY A 64 -18.51 2.67 -9.48
C GLY A 64 -18.10 2.83 -10.93
N PHE A 65 -17.35 1.87 -11.48
CA PHE A 65 -16.82 1.97 -12.85
C PHE A 65 -17.06 0.64 -13.55
N ARG A 66 -18.20 0.51 -14.23
CA ARG A 66 -18.57 -0.79 -14.76
C ARG A 66 -17.54 -1.31 -15.76
N GLU A 67 -16.79 -0.40 -16.39
CA GLU A 67 -15.82 -0.79 -17.40
C GLU A 67 -14.39 -0.63 -16.91
N GLY A 68 -14.19 -0.38 -15.63
CA GLY A 68 -12.87 -0.19 -15.08
C GLY A 68 -12.36 1.22 -15.37
N ILE A 69 -11.19 1.51 -14.78
CA ILE A 69 -10.53 2.79 -14.92
C ILE A 69 -9.06 2.58 -14.57
N THR A 70 -8.15 3.33 -15.22
CA THR A 70 -6.77 3.11 -14.83
C THR A 70 -6.48 3.75 -13.47
N GLY A 71 -5.40 3.29 -12.83
CA GLY A 71 -5.00 3.83 -11.56
C GLY A 71 -4.80 5.34 -11.59
N PRO A 72 -3.99 5.85 -12.53
CA PRO A 72 -3.81 7.30 -12.60
C PRO A 72 -5.08 8.07 -12.92
N GLU A 73 -5.96 7.53 -13.78
CA GLU A 73 -7.23 8.22 -14.05
C GLU A 73 -8.05 8.32 -12.78
N LEU A 74 -8.19 7.21 -12.05
CA LEU A 74 -8.98 7.26 -10.82
C LEU A 74 -8.38 8.25 -9.84
N MET A 75 -7.04 8.26 -9.75
CA MET A 75 -6.43 9.04 -8.69
C MET A 75 -6.53 10.51 -9.06
N ASP A 76 -6.50 10.84 -10.35
CA ASP A 76 -6.67 12.23 -10.73
C ASP A 76 -8.11 12.68 -10.55
N GLN A 77 -9.09 11.77 -10.72
CA GLN A 77 -10.45 12.13 -10.37
C GLN A 77 -10.53 12.56 -8.92
N MET A 78 -9.96 11.76 -8.01
CA MET A 78 -10.06 12.10 -6.59
C MET A 78 -9.33 13.39 -6.28
N ARG A 79 -8.18 13.63 -6.93
CA ARG A 79 -7.42 14.85 -6.67
C ARG A 79 -8.20 16.10 -7.10
N GLU A 80 -8.75 16.10 -8.33
CA GLU A 80 -9.60 17.21 -8.77
C GLU A 80 -10.84 17.37 -7.90
N GLN A 81 -11.40 16.25 -7.42
CA GLN A 81 -12.55 16.33 -6.54
C GLN A 81 -12.19 17.06 -5.24
N ALA A 82 -11.05 16.72 -4.65
CA ALA A 82 -10.59 17.45 -3.47
C ALA A 82 -10.40 18.94 -3.76
N LEU A 83 -9.74 19.26 -4.88
CA LEU A 83 -9.53 20.65 -5.24
C LEU A 83 -10.86 21.38 -5.41
N ARG A 84 -11.84 20.73 -6.06
CA ARG A 84 -13.11 21.38 -6.35
C ARG A 84 -13.78 21.90 -5.09
N PHE A 85 -13.65 21.18 -3.98
CA PHE A 85 -14.26 21.58 -2.72
C PHE A 85 -13.38 22.45 -1.85
N GLY A 86 -12.17 22.76 -2.27
CA GLY A 86 -11.36 23.74 -1.58
C GLY A 86 -10.17 23.23 -0.81
N ALA A 87 -9.80 21.97 -0.97
CA ALA A 87 -8.59 21.48 -0.30
C ALA A 87 -7.37 22.18 -0.89
N ASP A 88 -6.40 22.46 -0.01
CA ASP A 88 -5.13 23.08 -0.39
C ASP A 88 -4.12 21.93 -0.53
N LEU A 89 -3.80 21.56 -1.77
CA LEU A 89 -2.93 20.41 -2.03
C LEU A 89 -1.50 20.89 -2.30
N ARG A 90 -0.53 20.25 -1.64
CA ARG A 90 0.88 20.56 -1.85
C ARG A 90 1.62 19.28 -2.21
N MET A 91 2.23 19.24 -3.41
CA MET A 91 3.08 18.13 -3.82
C MET A 91 4.45 18.19 -3.16
N GLU A 92 4.45 18.02 -1.84
CA GLU A 92 5.68 18.07 -1.07
C GLU A 92 5.64 17.01 0.00
N ASP A 93 6.82 16.52 0.35
CA ASP A 93 6.98 15.53 1.41
C ASP A 93 6.99 16.21 2.77
N VAL A 94 6.33 15.61 3.73
CA VAL A 94 6.52 16.02 5.12
C VAL A 94 7.77 15.34 5.65
N ASP A 95 8.69 16.12 6.21
CA ASP A 95 9.96 15.56 6.66
C ASP A 95 10.02 15.27 8.15
N ALA A 96 9.20 15.93 8.95
CA ALA A 96 9.17 15.69 10.40
C ALA A 96 7.86 16.24 10.93
N VAL A 97 7.41 15.70 12.07
CA VAL A 97 6.14 16.12 12.67
C VAL A 97 6.32 16.22 14.16
N GLN A 98 5.58 17.17 14.76
CA GLN A 98 5.41 17.27 16.20
C GLN A 98 3.90 17.18 16.44
N LEU A 99 3.43 16.06 16.98
CA LEU A 99 2.00 15.77 17.02
C LEU A 99 1.37 15.91 18.40
N GLU A 100 2.16 16.17 19.44
CA GLU A 100 1.62 16.21 20.79
C GLU A 100 1.16 17.62 21.14
N GLY A 101 -0.03 17.73 21.70
CA GLY A 101 -0.48 19.00 22.21
C GLY A 101 -1.52 19.66 21.33
N PRO A 102 -2.00 20.83 21.77
CA PRO A 102 -3.12 21.46 21.06
C PRO A 102 -2.74 21.94 19.68
N VAL A 103 -1.48 22.30 19.43
CA VAL A 103 -1.05 22.77 18.12
C VAL A 103 0.02 21.82 17.62
N LYS A 104 -0.26 21.17 16.49
CA LYS A 104 0.61 20.19 15.84
C LYS A 104 1.40 20.88 14.74
N THR A 105 2.66 20.45 14.55
CA THR A 105 3.51 21.06 13.54
C THR A 105 4.01 20.02 12.54
N VAL A 106 4.01 20.37 11.26
CA VAL A 106 4.68 19.54 10.26
C VAL A 106 5.80 20.39 9.66
N VAL A 107 6.89 19.72 9.30
CA VAL A 107 8.06 20.37 8.72
C VAL A 107 8.24 19.83 7.31
N VAL A 108 8.27 20.74 6.35
CA VAL A 108 8.38 20.41 4.94
C VAL A 108 9.59 21.16 4.42
N GLY A 109 10.73 20.47 4.34
CA GLY A 109 11.95 21.16 3.96
C GLY A 109 12.29 22.19 5.02
N ASP A 110 12.40 23.46 4.62
CA ASP A 110 12.62 24.55 5.57
C ASP A 110 11.34 25.29 5.94
N GLU A 111 10.18 24.72 5.65
CA GLU A 111 8.92 25.39 5.96
C GLU A 111 8.16 24.63 7.03
N THR A 112 7.38 25.36 7.83
CA THR A 112 6.58 24.75 8.89
C THR A 112 5.10 25.09 8.68
N HIS A 113 4.24 24.17 9.06
CA HIS A 113 2.80 24.40 9.00
CA HIS A 113 2.80 24.40 9.00
C HIS A 113 2.18 23.77 10.24
N GLN A 114 1.12 24.41 10.77
CA GLN A 114 0.54 23.95 12.03
C GLN A 114 -0.96 23.74 11.89
N ALA A 115 -1.50 22.84 12.70
CA ALA A 115 -2.93 22.56 12.65
C ALA A 115 -3.40 22.06 14.00
N ARG A 116 -4.73 22.08 14.18
CA ARG A 116 -5.31 21.58 15.42
C ARG A 116 -5.48 20.07 15.38
N ALA A 117 -5.66 19.49 14.20
CA ALA A 117 -5.84 18.06 14.03
C ALA A 117 -4.99 17.61 12.87
N VAL A 118 -4.51 16.38 12.93
CA VAL A 118 -3.70 15.81 11.86
C VAL A 118 -4.26 14.43 11.52
N ILE A 119 -4.45 14.19 10.23
CA ILE A 119 -4.87 12.88 9.73
C ILE A 119 -3.67 12.24 9.05
N LEU A 120 -3.24 11.11 9.58
CA LEU A 120 -2.10 10.37 9.05
C LEU A 120 -2.62 9.42 7.96
N ALA A 121 -2.16 9.62 6.74
CA ALA A 121 -2.58 8.80 5.60
C ALA A 121 -1.40 8.40 4.71
N MET A 122 -0.27 8.03 5.32
CA MET A 122 0.97 7.80 4.57
C MET A 122 1.06 6.44 3.92
N GLY A 123 0.14 5.53 4.21
CA GLY A 123 0.11 4.28 3.50
C GLY A 123 1.16 3.28 3.94
N ALA A 124 1.34 2.26 3.10
CA ALA A 124 2.34 1.22 3.28
C ALA A 124 3.05 0.96 1.96
N ALA A 125 4.37 0.83 2.02
CA ALA A 125 5.16 0.40 0.88
C ALA A 125 5.17 -1.12 0.77
N ALA A 126 4.89 -1.65 -0.42
CA ALA A 126 5.19 -3.05 -0.68
C ALA A 126 6.71 -3.23 -0.79
N ARG A 127 7.24 -4.21 -0.08
CA ARG A 127 8.65 -4.54 -0.17
C ARG A 127 8.98 -5.07 -1.57
N HIS A 128 10.03 -4.55 -2.18
CA HIS A 128 10.39 -4.94 -3.54
CA HIS A 128 10.38 -4.95 -3.53
C HIS A 128 11.55 -5.92 -3.54
N LEU A 129 11.62 -6.71 -4.62
CA LEU A 129 12.77 -7.59 -4.81
C LEU A 129 14.05 -6.80 -4.98
N GLY A 130 13.97 -5.62 -5.60
CA GLY A 130 15.15 -4.81 -5.86
C GLY A 130 15.99 -5.27 -7.03
N VAL A 131 15.37 -5.83 -8.07
CA VAL A 131 16.09 -6.41 -9.19
C VAL A 131 15.71 -5.66 -10.45
N PRO A 132 16.59 -5.67 -11.46
CA PRO A 132 16.27 -4.99 -12.72
C PRO A 132 15.04 -5.61 -13.37
N GLY A 133 14.21 -4.74 -13.94
CA GLY A 133 12.98 -5.14 -14.56
C GLY A 133 11.76 -5.04 -13.66
N GLU A 134 11.97 -5.09 -12.34
CA GLU A 134 10.84 -5.11 -11.41
C GLU A 134 9.97 -3.86 -11.54
N GLU A 135 10.62 -2.69 -11.52
CA GLU A 135 9.88 -1.43 -11.58
C GLU A 135 9.30 -1.20 -12.97
N ALA A 136 10.07 -1.47 -14.02
CA ALA A 136 9.61 -1.20 -15.38
C ALA A 136 8.42 -2.07 -15.77
N LEU A 137 8.33 -3.28 -15.23
CA LEU A 137 7.34 -4.25 -15.66
C LEU A 137 6.14 -4.30 -14.74
N THR A 138 6.08 -3.38 -13.77
CA THR A 138 4.96 -3.30 -12.84
C THR A 138 3.69 -2.87 -13.59
N GLY A 139 2.58 -3.56 -13.30
CA GLY A 139 1.38 -3.41 -14.09
C GLY A 139 1.46 -4.00 -15.48
N MET A 140 2.56 -4.68 -15.79
CA MET A 140 2.79 -5.26 -17.10
C MET A 140 3.27 -6.70 -16.94
N GLY A 141 2.87 -7.34 -15.85
CA GLY A 141 3.33 -8.69 -15.54
C GLY A 141 3.85 -8.86 -14.13
N VAL A 142 4.29 -7.77 -13.51
CA VAL A 142 4.76 -7.76 -12.13
C VAL A 142 3.67 -7.13 -11.28
N SER A 143 3.29 -7.80 -10.19
CA SER A 143 2.24 -7.26 -9.32
C SER A 143 2.57 -7.58 -7.88
N THR A 144 1.91 -6.86 -6.97
CA THR A 144 2.02 -7.14 -5.55
C THR A 144 0.70 -7.60 -4.95
N CYS A 145 -0.31 -7.89 -5.79
CA CYS A 145 -1.68 -7.99 -5.28
C CYS A 145 -2.45 -9.03 -6.10
N ALA A 146 -2.56 -10.26 -5.57
CA ALA A 146 -3.30 -11.32 -6.24
C ALA A 146 -4.78 -10.98 -6.38
N THR A 147 -5.37 -10.40 -5.32
CA THR A 147 -6.76 -9.95 -5.42
C THR A 147 -6.93 -8.96 -6.56
N CYS A 148 -5.94 -8.11 -6.80
CA CYS A 148 -6.11 -7.03 -7.76
C CYS A 148 -5.96 -7.54 -9.20
N ASP A 149 -4.92 -8.33 -9.47
CA ASP A 149 -4.50 -8.65 -10.84
C ASP A 149 -4.51 -10.14 -11.19
N GLY A 150 -4.73 -11.04 -10.23
CA GLY A 150 -4.69 -12.46 -10.54
C GLY A 150 -5.59 -12.82 -11.70
N PHE A 151 -6.70 -12.10 -11.84
CA PHE A 151 -7.64 -12.26 -12.94
C PHE A 151 -6.94 -12.35 -14.29
N PHE A 152 -5.93 -11.51 -14.49
CA PHE A 152 -5.35 -11.28 -15.80
C PHE A 152 -4.34 -12.35 -16.22
N PHE A 153 -4.11 -13.36 -15.38
CA PHE A 153 -3.11 -14.39 -15.62
C PHE A 153 -3.75 -15.76 -15.83
N ARG A 154 -4.97 -15.77 -16.36
CA ARG A 154 -5.68 -17.03 -16.60
C ARG A 154 -4.86 -17.93 -17.54
N ASP A 155 -4.68 -19.19 -17.13
CA ASP A 155 -3.93 -20.19 -17.89
C ASP A 155 -2.47 -19.82 -18.17
N GLN A 156 -1.85 -19.03 -17.31
CA GLN A 156 -0.46 -18.68 -17.50
C GLN A 156 0.40 -19.33 -16.43
N ASP A 157 1.71 -19.42 -16.72
CA ASP A 157 2.68 -19.85 -15.73
C ASP A 157 3.25 -18.61 -15.04
N ILE A 158 3.15 -18.57 -13.72
CA ILE A 158 3.54 -17.41 -12.94
C ILE A 158 4.36 -17.85 -11.72
N VAL A 159 5.00 -16.87 -11.08
CA VAL A 159 5.75 -17.08 -9.84
C VAL A 159 5.15 -16.20 -8.76
N VAL A 160 5.26 -16.68 -7.52
CA VAL A 160 5.02 -15.89 -6.32
C VAL A 160 6.30 -15.91 -5.50
N VAL A 161 6.72 -14.74 -5.01
CA VAL A 161 7.92 -14.63 -4.19
C VAL A 161 7.53 -14.30 -2.76
N GLY A 162 8.00 -15.10 -1.82
CA GLY A 162 7.83 -14.80 -0.42
C GLY A 162 7.79 -16.08 0.39
N GLY A 163 8.03 -15.94 1.69
CA GLY A 163 8.04 -17.10 2.56
C GLY A 163 7.04 -17.08 3.71
N GLY A 164 6.12 -16.11 3.72
CA GLY A 164 5.18 -15.94 4.80
C GLY A 164 3.76 -16.33 4.44
N ASP A 165 2.86 -16.08 5.40
CA ASP A 165 1.44 -16.41 5.20
C ASP A 165 0.89 -15.72 3.96
N SER A 166 1.23 -14.44 3.78
CA SER A 166 0.76 -13.68 2.64
C SER A 166 1.13 -14.37 1.32
N ALA A 167 2.40 -14.74 1.14
CA ALA A 167 2.80 -15.43 -0.09
C ALA A 167 2.07 -16.75 -0.23
N MET A 168 1.90 -17.47 0.87
CA MET A 168 1.14 -18.71 0.87
C MET A 168 -0.28 -18.46 0.36
N GLU A 169 -0.93 -17.44 0.93
CA GLU A 169 -2.29 -17.09 0.57
C GLU A 169 -2.39 -16.59 -0.87
N GLU A 170 -1.40 -15.80 -1.31
CA GLU A 170 -1.39 -15.30 -2.68
C GLU A 170 -1.26 -16.46 -3.66
N ALA A 171 -0.31 -17.37 -3.40
CA ALA A 171 -0.09 -18.52 -4.28
C ALA A 171 -1.32 -19.42 -4.39
N THR A 172 -1.93 -19.77 -3.25
CA THR A 172 -3.10 -20.64 -3.31
C THR A 172 -4.27 -19.96 -4.02
N PHE A 173 -4.52 -18.68 -3.70
CA PHE A 173 -5.59 -17.95 -4.38
C PHE A 173 -5.39 -17.93 -5.89
N LEU A 174 -4.15 -17.72 -6.33
CA LEU A 174 -3.85 -17.54 -7.74
C LEU A 174 -4.08 -18.80 -8.57
N THR A 175 -4.06 -19.99 -7.96
CA THR A 175 -4.25 -21.23 -8.72
C THR A 175 -5.64 -21.36 -9.32
N ARG A 176 -6.59 -20.50 -8.97
CA ARG A 176 -7.89 -20.57 -9.64
C ARG A 176 -7.86 -19.86 -10.98
N PHE A 177 -6.77 -19.16 -11.29
CA PHE A 177 -6.55 -18.57 -12.60
C PHE A 177 -5.37 -19.22 -13.34
N ALA A 178 -4.21 -19.27 -12.70
CA ALA A 178 -2.98 -19.64 -13.39
C ALA A 178 -2.95 -21.10 -13.81
N ARG A 179 -2.24 -21.36 -14.92
CA ARG A 179 -1.89 -22.74 -15.28
C ARG A 179 -1.01 -23.37 -14.21
N SER A 180 0.00 -22.65 -13.75
CA SER A 180 0.86 -23.17 -12.68
C SER A 180 1.40 -22.00 -11.87
N VAL A 181 1.78 -22.31 -10.62
CA VAL A 181 2.32 -21.32 -9.70
C VAL A 181 3.62 -21.84 -9.09
N THR A 182 4.72 -21.13 -9.35
CA THR A 182 6.04 -21.45 -8.77
C THR A 182 6.32 -20.50 -7.62
N LEU A 183 6.36 -21.03 -6.40
CA LEU A 183 6.53 -20.23 -5.19
C LEU A 183 8.02 -20.20 -4.82
N ILE A 184 8.61 -19.01 -4.82
CA ILE A 184 10.06 -18.83 -4.69
C ILE A 184 10.38 -18.16 -3.36
N HIS A 185 11.40 -18.68 -2.66
CA HIS A 185 11.79 -18.17 -1.35
CA HIS A 185 11.81 -18.15 -1.35
C HIS A 185 13.31 -18.33 -1.16
N ARG A 186 13.96 -17.29 -0.63
CA ARG A 186 15.44 -17.27 -0.51
C ARG A 186 15.98 -18.33 0.43
N ARG A 187 15.22 -18.74 1.42
CA ARG A 187 15.70 -19.72 2.38
C ARG A 187 15.03 -21.06 2.11
N ASP A 188 15.36 -22.06 2.94
CA ASP A 188 14.61 -23.30 2.90
C ASP A 188 13.64 -23.42 4.06
N GLU A 189 13.66 -22.45 4.98
CA GLU A 189 12.65 -22.34 6.01
C GLU A 189 11.60 -21.33 5.56
N PHE A 190 10.33 -21.68 5.74
CA PHE A 190 9.22 -20.78 5.50
C PHE A 190 8.73 -20.24 6.84
N ARG A 191 8.63 -18.93 6.95
CA ARG A 191 8.08 -18.31 8.14
C ARG A 191 6.57 -18.38 8.21
N ALA A 192 5.91 -18.88 7.16
CA ALA A 192 4.46 -18.99 7.17
C ALA A 192 4.00 -20.01 8.20
N SER A 193 2.75 -19.87 8.63
CA SER A 193 2.17 -20.80 9.58
C SER A 193 2.08 -22.20 9.00
N LYS A 194 1.96 -23.19 9.89
CA LYS A 194 1.91 -24.58 9.45
C LYS A 194 0.71 -24.83 8.54
N ILE A 195 -0.46 -24.33 8.95
CA ILE A 195 -1.68 -24.56 8.18
C ILE A 195 -1.55 -23.96 6.78
N MET A 196 -1.03 -22.73 6.70
CA MET A 196 -0.86 -22.10 5.39
C MET A 196 0.13 -22.89 4.56
N LEU A 197 1.19 -23.40 5.19
CA LEU A 197 2.22 -24.10 4.44
C LEU A 197 1.69 -25.40 3.88
N GLU A 198 0.92 -26.15 4.69
CA GLU A 198 0.40 -27.43 4.21
C GLU A 198 -0.69 -27.25 3.17
N ARG A 199 -1.40 -26.11 3.18
CA ARG A 199 -2.39 -25.84 2.14
C ARG A 199 -1.76 -25.83 0.75
N ALA A 200 -0.71 -25.03 0.55
CA ALA A 200 -0.15 -24.99 -0.80
C ALA A 200 0.69 -26.21 -1.12
N ARG A 201 1.32 -26.84 -0.12
CA ARG A 201 1.88 -28.17 -0.33
C ARG A 201 0.82 -29.09 -0.92
N ALA A 202 -0.40 -29.03 -0.41
CA ALA A 202 -1.47 -29.88 -0.90
C ALA A 202 -1.91 -29.49 -2.31
N ASN A 203 -1.81 -28.20 -2.64
CA ASN A 203 -2.22 -27.73 -3.96
C ASN A 203 -1.31 -28.28 -5.05
N GLU A 204 -1.92 -28.91 -6.06
CA GLU A 204 -1.15 -29.56 -7.11
C GLU A 204 -0.61 -28.58 -8.14
N LYS A 205 -1.19 -27.38 -8.23
CA LYS A 205 -0.73 -26.37 -9.17
C LYS A 205 0.47 -25.58 -8.66
N ILE A 206 0.95 -25.86 -7.45
CA ILE A 206 2.01 -25.08 -6.83
C ILE A 206 3.26 -25.93 -6.70
N THR A 207 4.41 -25.37 -7.10
CA THR A 207 5.70 -25.98 -6.88
C THR A 207 6.59 -25.00 -6.09
N PHE A 208 7.28 -25.51 -5.08
CA PHE A 208 8.15 -24.70 -4.25
C PHE A 208 9.57 -24.71 -4.80
N LEU A 209 10.24 -23.55 -4.74
CA LEU A 209 11.68 -23.43 -4.98
C LEU A 209 12.27 -22.75 -3.76
N THR A 210 12.89 -23.53 -2.87
CA THR A 210 13.55 -22.97 -1.70
C THR A 210 14.98 -22.59 -2.08
N ASN A 211 15.62 -21.81 -1.21
CA ASN A 211 17.01 -21.39 -1.43
C ASN A 211 17.18 -20.78 -2.82
N THR A 212 16.17 -20.02 -3.27
CA THR A 212 16.18 -19.46 -4.61
C THR A 212 15.79 -17.99 -4.58
N GLU A 213 16.53 -17.16 -5.30
CA GLU A 213 16.17 -15.77 -5.47
C GLU A 213 16.03 -15.42 -6.95
N ILE A 214 15.23 -14.38 -7.21
CA ILE A 214 15.18 -13.76 -8.52
C ILE A 214 16.29 -12.72 -8.61
N THR A 215 17.08 -12.77 -9.69
CA THR A 215 18.10 -11.75 -9.93
C THR A 215 17.71 -10.76 -11.02
N GLN A 216 16.72 -11.08 -11.85
CA GLN A 216 16.31 -10.22 -12.95
C GLN A 216 14.96 -10.70 -13.49
N ILE A 217 14.14 -9.76 -13.93
CA ILE A 217 12.87 -10.07 -14.61
C ILE A 217 13.02 -9.67 -16.07
N GLU A 218 12.83 -10.62 -16.98
CA GLU A 218 12.90 -10.34 -18.41
C GLU A 218 11.52 -9.97 -18.93
N GLY A 219 11.50 -9.07 -19.92
CA GLY A 219 10.21 -8.66 -20.43
C GLY A 219 10.22 -7.68 -21.58
N ASP A 220 9.73 -8.11 -22.75
CA ASP A 220 9.81 -7.33 -23.98
C ASP A 220 8.96 -6.07 -23.84
N PRO A 221 7.60 -6.10 -23.93
CA PRO A 221 6.83 -5.11 -23.17
C PRO A 221 6.33 -5.67 -21.86
N LYS A 222 6.07 -6.97 -21.81
CA LYS A 222 5.51 -7.63 -20.64
C LYS A 222 6.43 -8.78 -20.19
N VAL A 223 6.20 -9.23 -18.96
CA VAL A 223 7.05 -10.24 -18.33
C VAL A 223 7.12 -11.48 -19.21
N THR A 224 8.35 -11.91 -19.55
CA THR A 224 8.54 -13.15 -20.28
C THR A 224 9.29 -14.22 -19.49
N GLY A 225 10.03 -13.85 -18.45
CA GLY A 225 10.81 -14.83 -17.70
C GLY A 225 11.49 -14.18 -16.52
N VAL A 226 12.02 -15.03 -15.64
CA VAL A 226 12.80 -14.57 -14.49
C VAL A 226 14.12 -15.33 -14.48
N ARG A 227 15.20 -14.62 -14.15
CA ARG A 227 16.49 -15.24 -13.96
C ARG A 227 16.63 -15.59 -12.47
N LEU A 228 17.05 -16.82 -12.17
CA LEU A 228 17.04 -17.34 -10.82
C LEU A 228 18.47 -17.63 -10.34
N ARG A 229 18.67 -17.59 -9.03
CA ARG A 229 19.94 -17.98 -8.45
C ARG A 229 19.70 -18.74 -7.17
N ASP A 230 20.42 -19.85 -7.02
CA ASP A 230 20.46 -20.60 -5.78
C ASP A 230 21.28 -19.84 -4.74
N THR A 231 20.70 -19.58 -3.57
CA THR A 231 21.41 -18.80 -2.56
C THR A 231 22.49 -19.60 -1.84
N VAL A 232 22.57 -20.91 -2.07
CA VAL A 232 23.58 -21.72 -1.41
C VAL A 232 24.73 -21.93 -2.39
N THR A 233 24.44 -22.46 -3.58
CA THR A 233 25.47 -22.83 -4.53
C THR A 233 25.80 -21.74 -5.55
N GLY A 234 24.93 -20.76 -5.73
CA GLY A 234 25.09 -19.77 -6.79
C GLY A 234 24.67 -20.23 -8.17
N GLU A 235 24.19 -21.47 -8.30
CA GLU A 235 23.73 -21.95 -9.59
C GLU A 235 22.61 -21.06 -10.12
N GLU A 236 22.72 -20.63 -11.38
CA GLU A 236 21.70 -19.82 -12.01
C GLU A 236 21.03 -20.54 -13.19
N SER A 237 19.78 -20.14 -13.44
CA SER A 237 19.00 -20.67 -14.54
C SER A 237 17.92 -19.64 -14.86
N LYS A 238 17.20 -19.88 -15.96
CA LYS A 238 16.07 -19.04 -16.35
C LYS A 238 14.78 -19.84 -16.33
N LEU A 239 13.70 -19.18 -15.92
CA LEU A 239 12.37 -19.76 -15.89
C LEU A 239 11.46 -18.93 -16.80
N ASP A 240 10.78 -19.60 -17.73
CA ASP A 240 9.81 -18.92 -18.60
C ASP A 240 8.50 -18.77 -17.82
N VAL A 241 8.12 -17.53 -17.51
CA VAL A 241 6.83 -17.22 -16.89
C VAL A 241 6.36 -15.86 -17.40
N THR A 242 5.06 -15.62 -17.32
CA THR A 242 4.49 -14.34 -17.77
C THR A 242 3.87 -13.53 -16.63
N GLY A 243 4.08 -13.91 -15.38
CA GLY A 243 3.69 -13.06 -14.26
C GLY A 243 4.58 -13.29 -13.07
N VAL A 244 4.76 -12.23 -12.28
CA VAL A 244 5.60 -12.30 -11.09
C VAL A 244 4.84 -11.55 -10.00
N PHE A 245 4.39 -12.28 -8.98
CA PHE A 245 3.66 -11.70 -7.88
C PHE A 245 4.60 -11.61 -6.69
N VAL A 246 4.82 -10.41 -6.20
CA VAL A 246 5.75 -10.16 -5.11
C VAL A 246 4.97 -10.06 -3.82
N ALA A 247 5.30 -10.91 -2.86
CA ALA A 247 4.56 -11.04 -1.62
C ALA A 247 5.54 -11.24 -0.48
N ILE A 248 6.51 -10.33 -0.37
CA ILE A 248 7.56 -10.45 0.63
C ILE A 248 7.33 -9.50 1.79
N GLY A 249 6.13 -8.93 1.92
CA GLY A 249 5.77 -8.12 3.05
C GLY A 249 5.49 -6.67 2.67
N HIS A 250 4.91 -5.96 3.64
CA HIS A 250 4.64 -4.54 3.52
CA HIS A 250 4.67 -4.53 3.50
C HIS A 250 5.26 -3.82 4.70
N ASP A 251 5.68 -2.58 4.45
CA ASP A 251 6.22 -1.72 5.51
C ASP A 251 5.32 -0.49 5.64
N PRO A 252 4.52 -0.40 6.69
CA PRO A 252 3.74 0.82 6.91
C PRO A 252 4.66 2.03 7.01
N ARG A 253 4.25 3.14 6.43
CA ARG A 253 5.09 4.33 6.43
C ARG A 253 4.84 5.13 7.71
N SER A 254 5.21 4.53 8.83
CA SER A 254 5.06 5.15 10.15
C SER A 254 6.35 5.79 10.69
N GLU A 255 7.42 5.90 9.88
CA GLU A 255 8.68 6.42 10.43
C GLU A 255 8.48 7.81 11.02
N LEU A 256 7.70 8.66 10.35
CA LEU A 256 7.46 10.03 10.84
C LEU A 256 6.99 10.06 12.28
N VAL A 257 6.18 9.07 12.69
CA VAL A 257 5.40 9.21 13.91
C VAL A 257 5.84 8.26 14.99
N ARG A 258 6.86 7.46 14.72
CA ARG A 258 7.38 6.54 15.72
C ARG A 258 7.90 7.29 16.93
N GLY A 259 7.55 6.81 18.12
CA GLY A 259 7.84 7.51 19.35
C GLY A 259 6.82 8.55 19.73
N GLN A 260 5.90 8.89 18.83
CA GLN A 260 4.84 9.83 19.13
C GLN A 260 3.47 9.16 19.20
N VAL A 261 3.12 8.35 18.21
CA VAL A 261 1.86 7.60 18.19
C VAL A 261 2.18 6.13 18.47
N GLU A 262 1.27 5.44 19.17
CA GLU A 262 1.55 4.04 19.46
C GLU A 262 1.43 3.21 18.19
N LEU A 263 2.39 2.31 18.00
CA LEU A 263 2.46 1.43 16.85
C LEU A 263 2.38 -0.01 17.33
N ASP A 264 1.94 -0.92 16.45
CA ASP A 264 2.03 -2.32 16.83
C ASP A 264 3.42 -2.86 16.50
N ASP A 265 3.65 -4.14 16.81
CA ASP A 265 4.98 -4.72 16.66
C ASP A 265 5.49 -4.69 15.23
N GLU A 266 4.61 -4.54 14.24
CA GLU A 266 5.03 -4.47 12.86
C GLU A 266 5.08 -3.04 12.34
N GLY A 267 4.89 -2.05 13.21
CA GLY A 267 4.93 -0.67 12.78
C GLY A 267 3.64 -0.07 12.28
N TYR A 268 2.50 -0.79 12.36
CA TYR A 268 1.25 -0.17 11.95
C TYR A 268 0.74 0.75 13.07
N VAL A 269 0.12 1.85 12.68
CA VAL A 269 -0.47 2.76 13.65
C VAL A 269 -1.70 2.11 14.29
N LYS A 270 -1.71 2.04 15.62
CA LYS A 270 -2.87 1.51 16.33
C LYS A 270 -4.00 2.56 16.42
N VAL A 271 -5.25 2.09 16.29
CA VAL A 271 -6.41 2.95 16.39
C VAL A 271 -7.38 2.33 17.38
N GLN A 272 -8.22 3.15 17.98
CA GLN A 272 -9.13 2.67 19.00
C GLN A 272 -10.40 2.08 18.38
N GLY A 273 -10.62 0.81 18.66
CA GLY A 273 -11.86 0.14 18.28
C GLY A 273 -12.05 0.18 16.79
N ARG A 274 -13.26 0.55 16.37
CA ARG A 274 -13.55 0.67 14.95
C ARG A 274 -13.45 2.10 14.45
N THR A 275 -12.69 2.97 15.14
CA THR A 275 -12.56 4.37 14.78
C THR A 275 -11.17 4.60 14.19
N THR A 276 -10.87 5.84 13.82
CA THR A 276 -9.53 6.22 13.37
C THR A 276 -8.72 6.94 14.45
N TYR A 277 -9.19 6.98 15.69
CA TYR A 277 -8.47 7.67 16.76
C TYR A 277 -7.18 6.94 17.12
N THR A 278 -6.05 7.66 17.10
CA THR A 278 -4.79 7.10 17.57
C THR A 278 -4.65 7.30 19.08
N SER A 279 -3.46 6.97 19.61
CA SER A 279 -3.12 7.21 21.00
C SER A 279 -2.94 8.69 21.32
N LEU A 280 -2.83 9.56 20.33
CA LEU A 280 -2.65 10.98 20.58
C LEU A 280 -3.92 11.75 20.26
N ASP A 281 -4.32 12.62 21.19
CA ASP A 281 -5.46 13.51 21.02
C ASP A 281 -5.32 14.36 19.77
N GLY A 282 -6.37 14.38 18.97
CA GLY A 282 -6.33 15.18 17.77
C GLY A 282 -5.55 14.57 16.63
N VAL A 283 -5.13 13.31 16.73
CA VAL A 283 -4.40 12.66 15.65
C VAL A 283 -5.15 11.39 15.24
N PHE A 284 -5.41 11.26 13.94
CA PHE A 284 -6.26 10.21 13.37
C PHE A 284 -5.48 9.54 12.25
N ALA A 285 -5.77 8.25 12.03
CA ALA A 285 -5.03 7.46 11.04
C ALA A 285 -5.94 6.57 10.21
N ALA A 286 -5.62 6.45 8.93
CA ALA A 286 -6.50 5.79 7.96
C ALA A 286 -5.67 5.04 6.94
N GLY A 287 -6.32 4.14 6.22
CA GLY A 287 -5.65 3.50 5.10
C GLY A 287 -4.65 2.43 5.55
N ASP A 288 -3.74 2.08 4.63
CA ASP A 288 -2.86 0.93 4.84
C ASP A 288 -1.76 1.20 5.85
N LEU A 289 -1.64 2.45 6.33
CA LEU A 289 -0.84 2.77 7.51
C LEU A 289 -1.36 2.06 8.75
N VAL A 290 -2.66 1.76 8.76
CA VAL A 290 -3.34 1.11 9.87
C VAL A 290 -3.69 -0.33 9.53
N ASP A 291 -4.21 -0.57 8.32
CA ASP A 291 -4.83 -1.85 7.95
C ASP A 291 -3.80 -2.78 7.31
N HIS A 292 -3.49 -3.89 7.98
CA HIS A 292 -2.66 -4.95 7.42
CA HIS A 292 -2.66 -4.94 7.41
C HIS A 292 -3.47 -6.14 6.97
N THR A 293 -4.79 -5.99 6.82
CA THR A 293 -5.69 -7.10 6.53
C THR A 293 -6.27 -7.04 5.13
N TYR A 294 -6.85 -5.90 4.73
CA TYR A 294 -7.60 -5.86 3.48
C TYR A 294 -6.81 -5.21 2.36
N ARG A 295 -6.28 -4.01 2.59
CA ARG A 295 -5.31 -3.36 1.70
C ARG A 295 -5.85 -3.22 0.28
N GLN A 296 -6.95 -2.49 0.15
CA GLN A 296 -7.57 -2.19 -1.13
C GLN A 296 -7.81 -0.68 -1.17
N ALA A 297 -7.97 -0.16 -2.39
CA ALA A 297 -8.28 1.26 -2.53
C ALA A 297 -9.61 1.60 -1.89
N ILE A 298 -10.62 0.72 -2.04
CA ILE A 298 -11.95 1.04 -1.56
C ILE A 298 -11.99 1.02 -0.03
N THR A 299 -11.26 0.09 0.61
CA THR A 299 -11.18 0.13 2.07
C THR A 299 -10.38 1.33 2.55
N ALA A 300 -9.28 1.68 1.87
CA ALA A 300 -8.54 2.87 2.28
C ALA A 300 -9.39 4.12 2.13
N ALA A 301 -10.16 4.21 1.04
CA ALA A 301 -11.04 5.36 0.85
C ALA A 301 -12.08 5.42 1.98
N GLY A 302 -12.71 4.28 2.28
CA GLY A 302 -13.65 4.27 3.39
C GLY A 302 -13.04 4.78 4.68
N SER A 303 -11.82 4.33 4.99
CA SER A 303 -11.27 4.74 6.27
C SER A 303 -10.83 6.20 6.25
N GLY A 304 -10.46 6.73 5.09
CA GLY A 304 -10.19 8.15 5.00
C GLY A 304 -11.42 8.99 5.25
N CYS A 305 -12.57 8.55 4.74
CA CYS A 305 -13.83 9.19 5.10
C CYS A 305 -14.04 9.17 6.62
N ALA A 306 -13.86 8.01 7.26
CA ALA A 306 -14.07 7.95 8.71
C ALA A 306 -13.11 8.88 9.46
N ALA A 307 -11.86 8.98 9.00
CA ALA A 307 -10.91 9.86 9.67
C ALA A 307 -11.39 11.31 9.64
N SER A 308 -11.95 11.73 8.51
CA SER A 308 -12.42 13.11 8.44
C SER A 308 -13.64 13.33 9.34
N ILE A 309 -14.54 12.34 9.42
CA ILE A 309 -15.71 12.48 10.30
C ILE A 309 -15.28 12.49 11.76
N ASP A 310 -14.38 11.57 12.14
CA ASP A 310 -13.77 11.60 13.47
C ASP A 310 -13.16 12.97 13.77
N ALA A 311 -12.28 13.45 12.88
CA ALA A 311 -11.61 14.73 13.11
C ALA A 311 -12.61 15.86 13.25
N GLU A 312 -13.62 15.91 12.37
CA GLU A 312 -14.64 16.95 12.49
C GLU A 312 -15.35 16.89 13.84
N ARG A 313 -15.75 15.68 14.26
CA ARG A 313 -16.44 15.57 15.54
C ARG A 313 -15.53 15.96 16.68
N TRP A 314 -14.25 15.56 16.61
CA TRP A 314 -13.31 15.93 17.67
C TRP A 314 -13.09 17.43 17.69
N LEU A 315 -12.94 18.06 16.52
CA LEU A 315 -12.75 19.52 16.49
C LEU A 315 -13.95 20.23 17.08
N ALA A 316 -15.16 19.74 16.80
CA ALA A 316 -16.36 20.33 17.39
C ALA A 316 -16.36 20.22 18.91
N GLU A 317 -15.78 19.17 19.48
CA GLU A 317 -15.73 19.05 20.93
C GLU A 317 -14.69 19.97 21.56
N GLN A 318 -13.84 20.64 20.78
CA GLN A 318 -12.92 21.61 21.36
C GLN A 318 -13.61 22.97 21.40
#